data_6W3F
#
_entry.id   6W3F
#
_cell.length_a   38.510
_cell.length_b   38.510
_cell.length_c   134.148
_cell.angle_alpha   90.000
_cell.angle_beta   90.000
_cell.angle_gamma   120.000
#
_symmetry.space_group_name_H-M   'P 31'
#
loop_
_entity.id
_entity.type
_entity.pdbx_description
1 polymer Rd1NTF2_05_I64F_A80G_T94P_D101K_L106W
2 water water
#
_entity_poly.entity_id   1
_entity_poly.type   'polypeptide(L)'
_entity_poly.pdbx_seq_one_letter_code
;SDENDTARKIIKTLLDIMREGDEDKLRDQMDPNVRADVGDKTVHGREHAAKFLAHIVKRADHISFTLKSLHNHNGRLRMQ
GEVRIVHNGRTERVPLEMVFRKHNGKWLIERMKYG
;
_entity_poly.pdbx_strand_id   A,B
#
# COMPACT_ATOMS: atom_id res chain seq x y z
N SER A 1 4.09 12.38 -7.67
CA SER A 1 3.81 11.53 -8.86
C SER A 1 4.41 10.14 -8.71
N ASP A 2 4.17 9.51 -7.58
CA ASP A 2 4.71 8.19 -7.26
C ASP A 2 3.59 7.16 -7.35
N GLU A 3 3.75 6.18 -8.25
CA GLU A 3 2.75 5.13 -8.41
C GLU A 3 2.50 4.37 -7.11
N ASN A 4 3.55 4.17 -6.32
CA ASN A 4 3.35 3.51 -5.04
C ASN A 4 2.66 4.40 -4.01
N ASP A 5 2.49 5.68 -4.30
CA ASP A 5 1.78 6.57 -3.39
C ASP A 5 0.27 6.58 -3.64
N THR A 6 -0.21 5.77 -4.59
CA THR A 6 -1.61 5.82 -4.97
C THR A 6 -2.51 5.64 -3.75
N ALA A 7 -2.28 4.56 -2.99
CA ALA A 7 -3.18 4.23 -1.90
C ALA A 7 -3.23 5.34 -0.86
N ARG A 8 -2.07 5.76 -0.34
CA ARG A 8 -2.05 6.82 0.66
C ARG A 8 -2.80 8.06 0.18
N LYS A 9 -2.57 8.45 -1.07
CA LYS A 9 -3.22 9.64 -1.61
C LYS A 9 -4.74 9.48 -1.68
N ILE A 10 -5.21 8.33 -2.17
CA ILE A 10 -6.65 8.11 -2.25
C ILE A 10 -7.27 8.19 -0.86
N ILE A 11 -6.64 7.56 0.15
CA ILE A 11 -7.18 7.55 1.50
C ILE A 11 -7.29 8.98 2.04
N LYS A 12 -6.24 9.78 1.88
CA LYS A 12 -6.26 11.13 2.45
C LYS A 12 -7.28 12.02 1.74
N THR A 13 -7.30 11.98 0.42
CA THR A 13 -8.30 12.75 -0.32
C THR A 13 -9.68 12.39 0.17
N LEU A 14 -9.97 11.08 0.23
CA LEU A 14 -11.30 10.64 0.65
C LEU A 14 -11.60 11.10 2.07
N LEU A 15 -10.64 10.91 2.98
CA LEU A 15 -10.88 11.29 4.37
C LEU A 15 -11.11 12.79 4.51
N ASP A 16 -10.33 13.59 3.81
CA ASP A 16 -10.50 15.03 3.87
C ASP A 16 -11.84 15.45 3.26
N ILE A 17 -12.27 14.82 2.18
CA ILE A 17 -13.61 15.12 1.65
C ILE A 17 -14.67 14.81 2.69
N MET A 18 -14.60 13.63 3.30
CA MET A 18 -15.63 13.25 4.26
C MET A 18 -15.59 14.14 5.49
N ARG A 19 -14.40 14.44 6.02
CA ARG A 19 -14.29 15.34 7.15
C ARG A 19 -14.90 16.70 6.83
N GLU A 20 -14.64 17.22 5.63
CA GLU A 20 -15.30 18.43 5.17
C GLU A 20 -16.81 18.24 5.11
N GLY A 21 -17.25 17.05 4.70
CA GLY A 21 -18.67 16.74 4.65
C GLY A 21 -19.41 17.30 3.48
N ASP A 22 -18.71 17.72 2.43
CA ASP A 22 -19.37 18.25 1.24
C ASP A 22 -19.93 17.09 0.41
N GLU A 23 -21.25 17.05 0.28
CA GLU A 23 -21.89 15.94 -0.42
C GLU A 23 -21.47 15.90 -1.89
N ASP A 24 -21.39 17.07 -2.54
CA ASP A 24 -21.08 17.10 -3.96
C ASP A 24 -19.67 16.60 -4.24
N LYS A 25 -18.71 16.97 -3.38
CA LYS A 25 -17.35 16.46 -3.55
C LYS A 25 -17.33 14.95 -3.39
N LEU A 26 -18.04 14.44 -2.38
CA LEU A 26 -18.11 12.99 -2.20
C LEU A 26 -18.69 12.31 -3.44
N ARG A 27 -19.77 12.88 -4.00
CA ARG A 27 -20.35 12.29 -5.21
C ARG A 27 -19.33 12.19 -6.31
N ASP A 28 -18.50 13.21 -6.47
CA ASP A 28 -17.49 13.25 -7.53
C ASP A 28 -16.49 12.12 -7.42
N GLN A 29 -16.36 11.51 -6.24
CA GLN A 29 -15.41 10.44 -6.06
C GLN A 29 -15.98 9.08 -6.39
N MET A 30 -17.28 8.99 -6.69
CA MET A 30 -17.99 7.73 -6.81
C MET A 30 -18.29 7.34 -8.24
N ASP A 31 -18.21 6.05 -8.52
CA ASP A 31 -18.77 5.51 -9.76
C ASP A 31 -20.27 5.82 -9.78
N PRO A 32 -20.87 6.02 -10.97
CA PRO A 32 -22.32 6.23 -11.01
C PRO A 32 -23.10 5.09 -10.41
N ASN A 33 -22.61 3.86 -10.55
CA ASN A 33 -23.27 2.69 -9.99
C ASN A 33 -22.57 2.17 -8.74
N VAL A 34 -21.95 3.05 -7.95
CA VAL A 34 -21.27 2.66 -6.70
C VAL A 34 -22.27 1.88 -5.86
N ARG A 35 -21.77 0.90 -5.10
CA ARG A 35 -22.57 0.18 -4.14
C ARG A 35 -21.93 0.35 -2.77
N ALA A 36 -22.71 0.76 -1.78
CA ALA A 36 -22.20 0.97 -0.43
C ALA A 36 -22.98 0.09 0.54
N ASP A 37 -22.26 -0.76 1.25
CA ASP A 37 -22.84 -1.58 2.31
C ASP A 37 -22.29 -1.06 3.64
N VAL A 38 -23.14 -0.41 4.41
CA VAL A 38 -22.82 -0.02 5.78
C VAL A 38 -23.59 -0.99 6.67
N GLY A 39 -22.90 -2.00 7.20
CA GLY A 39 -23.60 -2.98 7.99
C GLY A 39 -24.57 -3.77 7.14
N ASP A 40 -25.82 -3.86 7.62
CA ASP A 40 -26.86 -4.55 6.88
C ASP A 40 -27.49 -3.71 5.77
N LYS A 41 -27.37 -2.40 5.86
CA LYS A 41 -27.97 -1.50 4.88
C LYS A 41 -27.15 -1.46 3.60
N THR A 42 -27.85 -1.41 2.47
CA THR A 42 -27.20 -1.37 1.17
C THR A 42 -27.79 -0.22 0.36
N VAL A 43 -26.89 0.60 -0.18
CA VAL A 43 -27.24 1.82 -0.91
C VAL A 43 -26.66 1.70 -2.31
N HIS A 44 -27.46 2.00 -3.34
CA HIS A 44 -27.02 1.90 -4.71
C HIS A 44 -27.02 3.28 -5.36
N GLY A 45 -25.97 3.57 -6.11
CA GLY A 45 -25.96 4.81 -6.90
C GLY A 45 -25.20 5.92 -6.18
N ARG A 46 -24.55 6.75 -7.01
CA ARG A 46 -23.72 7.84 -6.56
C ARG A 46 -24.50 8.83 -5.70
N GLU A 47 -25.67 9.27 -6.16
CA GLU A 47 -26.41 10.29 -5.44
C GLU A 47 -26.85 9.77 -4.06
N HIS A 48 -27.42 8.57 -4.02
CA HIS A 48 -27.87 8.01 -2.74
C HIS A 48 -26.69 7.74 -1.81
N ALA A 49 -25.62 7.14 -2.33
CA ALA A 49 -24.50 6.74 -1.49
C ALA A 49 -23.81 7.95 -0.87
N ALA A 50 -23.55 8.98 -1.67
CA ALA A 50 -22.90 10.17 -1.16
C ALA A 50 -23.73 10.82 -0.06
N LYS A 51 -25.01 11.08 -0.33
CA LYS A 51 -25.89 11.60 0.71
C LYS A 51 -25.80 10.75 1.97
N PHE A 52 -25.94 9.44 1.84
CA PHE A 52 -26.04 8.59 3.02
C PHE A 52 -24.73 8.62 3.78
N LEU A 53 -23.60 8.45 3.10
CA LEU A 53 -22.31 8.47 3.77
C LEU A 53 -22.03 9.84 4.40
N ALA A 54 -22.26 10.92 3.65
CA ALA A 54 -21.95 12.24 4.18
C ALA A 54 -22.70 12.50 5.48
N HIS A 55 -23.97 12.08 5.56
CA HIS A 55 -24.74 12.32 6.79
C HIS A 55 -24.15 11.57 7.97
N ILE A 56 -23.89 10.27 7.81
CA ILE A 56 -23.46 9.44 8.94
C ILE A 56 -22.09 9.91 9.44
N VAL A 57 -21.20 10.33 8.53
CA VAL A 57 -19.87 10.78 8.95
C VAL A 57 -19.92 11.97 9.92
N LYS A 58 -21.04 12.67 9.97
CA LYS A 58 -21.13 13.86 10.82
C LYS A 58 -21.06 13.50 12.30
N ARG A 59 -21.44 12.28 12.66
CA ARG A 59 -21.35 11.86 14.05
C ARG A 59 -19.92 11.60 14.48
N ALA A 60 -18.97 11.52 13.56
CA ALA A 60 -17.60 11.09 13.88
C ALA A 60 -16.74 12.27 14.27
N ASP A 61 -16.47 12.40 15.59
CA ASP A 61 -15.55 13.44 16.06
C ASP A 61 -14.17 13.31 15.42
N HIS A 62 -13.76 12.07 15.13
CA HIS A 62 -12.52 11.79 14.43
C HIS A 62 -12.74 10.55 13.59
N ILE A 63 -12.17 10.54 12.40
CA ILE A 63 -12.25 9.37 11.53
C ILE A 63 -10.89 9.17 10.91
N SER A 64 -10.40 7.94 10.93
CA SER A 64 -9.16 7.58 10.27
C SER A 64 -9.30 6.18 9.72
N PHE A 65 -8.34 5.80 8.85
CA PHE A 65 -8.32 4.50 8.21
C PHE A 65 -6.90 3.99 8.17
N THR A 66 -6.69 2.78 8.69
CA THR A 66 -5.40 2.13 8.71
C THR A 66 -5.42 0.98 7.71
N LEU A 67 -4.63 1.12 6.65
CA LEU A 67 -4.58 0.10 5.60
C LEU A 67 -3.98 -1.19 6.12
N LYS A 68 -4.69 -2.31 5.91
CA LYS A 68 -4.19 -3.65 6.21
C LYS A 68 -3.82 -4.42 4.94
N SER A 69 -4.58 -4.30 3.87
CA SER A 69 -4.23 -5.01 2.64
C SER A 69 -4.62 -4.17 1.44
N LEU A 70 -3.86 -4.37 0.36
CA LEU A 70 -3.99 -3.60 -0.88
C LEU A 70 -3.65 -4.51 -2.05
N HIS A 71 -4.46 -4.44 -3.09
CA HIS A 71 -4.18 -5.07 -4.37
C HIS A 71 -4.49 -4.02 -5.43
N ASN A 72 -3.46 -3.61 -6.20
CA ASN A 72 -3.60 -2.53 -7.19
C ASN A 72 -2.94 -2.99 -8.49
N HIS A 73 -3.73 -3.07 -9.55
CA HIS A 73 -3.20 -3.51 -10.82
C HIS A 73 -4.17 -3.13 -11.94
N ASN A 74 -3.62 -2.79 -13.09
CA ASN A 74 -4.43 -2.53 -14.29
C ASN A 74 -5.62 -1.63 -14.00
N GLY A 75 -5.39 -0.56 -13.23
CA GLY A 75 -6.44 0.39 -12.93
C GLY A 75 -7.57 -0.11 -12.06
N ARG A 76 -7.32 -1.17 -11.28
CA ARG A 76 -8.28 -1.75 -10.34
C ARG A 76 -7.60 -1.79 -9.00
N LEU A 77 -8.19 -1.18 -8.00
CA LEU A 77 -7.56 -1.11 -6.69
C LEU A 77 -8.52 -1.61 -5.62
N ARG A 78 -8.06 -2.57 -4.82
CA ARG A 78 -8.83 -3.05 -3.68
C ARG A 78 -8.01 -2.82 -2.41
N MET A 79 -8.65 -2.27 -1.38
CA MET A 79 -7.97 -2.10 -0.09
C MET A 79 -8.92 -2.49 1.04
N GLN A 80 -8.33 -3.04 2.10
CA GLN A 80 -9.04 -3.57 3.25
C GLN A 80 -8.31 -3.01 4.46
N GLY A 81 -9.05 -2.53 5.43
CA GLY A 81 -8.40 -1.91 6.56
C GLY A 81 -9.38 -1.68 7.69
N GLU A 82 -8.91 -0.96 8.69
CA GLU A 82 -9.69 -0.67 9.87
C GLU A 82 -9.98 0.82 9.91
N VAL A 83 -11.26 1.15 10.01
CA VAL A 83 -11.67 2.51 10.28
C VAL A 83 -11.72 2.69 11.78
N ARG A 84 -11.09 3.74 12.26
CA ARG A 84 -11.21 4.14 13.66
C ARG A 84 -12.10 5.36 13.75
N ILE A 85 -13.23 5.24 14.43
CA ILE A 85 -14.17 6.32 14.66
C ILE A 85 -14.13 6.71 16.13
N VAL A 86 -14.13 8.01 16.40
CA VAL A 86 -14.26 8.51 17.77
C VAL A 86 -15.53 9.33 17.86
N HIS A 87 -16.37 9.03 18.86
CA HIS A 87 -17.59 9.78 19.07
C HIS A 87 -17.79 10.02 20.56
N ASN A 88 -17.75 11.30 20.96
CA ASN A 88 -17.90 11.67 22.36
C ASN A 88 -17.01 10.81 23.24
N GLY A 89 -15.72 10.77 22.89
CA GLY A 89 -14.71 10.09 23.70
C GLY A 89 -14.66 8.58 23.55
N ARG A 90 -15.62 7.97 22.87
CA ARG A 90 -15.67 6.53 22.69
C ARG A 90 -15.13 6.17 21.30
N THR A 91 -14.18 5.22 21.27
CA THR A 91 -13.53 4.82 20.05
C THR A 91 -14.09 3.48 19.58
N GLU A 92 -14.27 3.37 18.27
CA GLU A 92 -14.81 2.16 17.65
C GLU A 92 -13.96 1.84 16.43
N ARG A 93 -13.64 0.57 16.25
CA ARG A 93 -12.82 0.09 15.14
C ARG A 93 -13.66 -0.89 14.34
N VAL A 94 -13.80 -0.61 13.04
CA VAL A 94 -14.72 -1.33 12.19
C VAL A 94 -14.02 -1.66 10.87
N PRO A 95 -14.09 -2.89 10.39
CA PRO A 95 -13.44 -3.23 9.11
C PRO A 95 -14.08 -2.46 7.95
N LEU A 96 -13.23 -2.08 6.99
CA LEU A 96 -13.71 -1.42 5.77
C LEU A 96 -12.97 -2.02 4.58
N GLU A 97 -13.71 -2.33 3.53
CA GLU A 97 -13.14 -2.75 2.25
C GLU A 97 -13.66 -1.79 1.17
N MET A 98 -12.79 -1.35 0.29
CA MET A 98 -13.19 -0.46 -0.81
C MET A 98 -12.54 -0.94 -2.09
N VAL A 99 -13.27 -0.81 -3.19
CA VAL A 99 -12.77 -1.16 -4.51
C VAL A 99 -12.86 0.09 -5.38
N PHE A 100 -11.78 0.41 -6.06
CA PHE A 100 -11.65 1.60 -6.89
C PHE A 100 -11.37 1.18 -8.33
N ARG A 101 -11.83 2.00 -9.28
CA ARG A 101 -11.53 1.77 -10.69
C ARG A 101 -11.08 3.10 -11.29
N LYS A 102 -9.98 3.07 -12.02
CA LYS A 102 -9.39 4.27 -12.57
C LYS A 102 -10.04 4.56 -13.93
N HIS A 103 -10.60 5.74 -14.08
CA HIS A 103 -11.15 6.19 -15.37
C HIS A 103 -10.55 7.54 -15.68
N ASN A 104 -9.92 7.67 -16.84
CA ASN A 104 -9.38 8.94 -17.30
C ASN A 104 -8.40 9.53 -16.29
N GLY A 105 -7.58 8.67 -15.70
CA GLY A 105 -6.64 9.08 -14.69
C GLY A 105 -7.25 9.44 -13.36
N LYS A 106 -8.49 9.02 -13.10
CA LYS A 106 -9.23 9.42 -11.92
C LYS A 106 -9.83 8.18 -11.27
N TRP A 107 -9.56 8.01 -9.98
CA TRP A 107 -10.05 6.87 -9.25
C TRP A 107 -11.45 7.13 -8.76
N LEU A 108 -12.33 6.16 -8.99
CA LEU A 108 -13.73 6.23 -8.57
C LEU A 108 -14.06 5.02 -7.72
N ILE A 109 -14.86 5.21 -6.68
CA ILE A 109 -15.24 4.13 -5.80
C ILE A 109 -16.32 3.30 -6.45
N GLU A 110 -16.04 2.01 -6.67
CA GLU A 110 -17.05 1.11 -7.20
C GLU A 110 -17.84 0.40 -6.10
N ARG A 111 -17.16 -0.01 -5.03
CA ARG A 111 -17.81 -0.72 -3.96
C ARG A 111 -17.19 -0.33 -2.62
N MET A 112 -18.02 -0.31 -1.60
CA MET A 112 -17.58 -0.02 -0.25
C MET A 112 -18.36 -0.93 0.68
N LYS A 113 -17.66 -1.59 1.60
CA LYS A 113 -18.30 -2.46 2.57
C LYS A 113 -17.74 -2.10 3.94
N TYR A 114 -18.61 -1.57 4.79
CA TYR A 114 -18.28 -1.14 6.14
C TYR A 114 -18.92 -2.10 7.12
N GLY A 115 -18.12 -2.67 8.00
CA GLY A 115 -18.62 -3.63 8.97
C GLY A 115 -18.49 -5.04 8.42
N ASP B 2 2.35 8.93 9.40
CA ASP B 2 1.24 8.42 8.52
C ASP B 2 1.43 6.93 8.28
N GLU B 3 0.54 6.12 8.86
CA GLU B 3 0.70 4.66 8.80
C GLU B 3 0.48 4.13 7.38
N ASN B 4 -0.33 4.80 6.57
CA ASN B 4 -0.57 4.31 5.22
C ASN B 4 0.59 4.56 4.28
N ASP B 5 1.59 5.34 4.71
CA ASP B 5 2.77 5.63 3.90
C ASP B 5 3.89 4.62 4.12
N THR B 6 3.73 3.69 5.07
CA THR B 6 4.78 2.76 5.45
C THR B 6 5.41 2.08 4.24
N ALA B 7 4.58 1.46 3.40
CA ALA B 7 5.10 0.67 2.28
C ALA B 7 5.84 1.55 1.28
N ARG B 8 5.24 2.68 0.91
CA ARG B 8 5.92 3.57 -0.02
C ARG B 8 7.28 3.96 0.55
N LYS B 9 7.32 4.30 1.83
CA LYS B 9 8.57 4.70 2.47
C LYS B 9 9.59 3.58 2.43
N ILE B 10 9.18 2.37 2.78
CA ILE B 10 10.09 1.23 2.75
C ILE B 10 10.69 1.09 1.37
N ILE B 11 9.83 1.09 0.35
CA ILE B 11 10.29 0.92 -1.02
C ILE B 11 11.32 1.99 -1.38
N LYS B 12 11.01 3.26 -1.05
CA LYS B 12 11.92 4.35 -1.41
C LYS B 12 13.26 4.20 -0.70
N THR B 13 13.25 3.82 0.58
CA THR B 13 14.49 3.68 1.32
C THR B 13 15.37 2.60 0.72
N LEU B 14 14.78 1.43 0.45
CA LEU B 14 15.53 0.33 -0.12
C LEU B 14 16.06 0.71 -1.50
N LEU B 15 15.21 1.33 -2.34
CA LEU B 15 15.64 1.68 -3.69
C LEU B 15 16.79 2.68 -3.65
N ASP B 16 16.69 3.70 -2.81
CA ASP B 16 17.80 4.64 -2.67
C ASP B 16 19.06 3.94 -2.18
N ILE B 17 18.93 3.09 -1.16
CA ILE B 17 20.09 2.37 -0.64
C ILE B 17 20.74 1.54 -1.74
N MET B 18 19.93 0.83 -2.54
CA MET B 18 20.50 0.01 -3.60
C MET B 18 21.14 0.86 -4.69
N ARG B 19 20.60 2.05 -4.95
CA ARG B 19 21.21 2.94 -5.93
C ARG B 19 22.49 3.55 -5.41
N GLU B 20 22.56 3.83 -4.11
CA GLU B 20 23.81 4.32 -3.53
C GLU B 20 24.88 3.25 -3.59
N GLY B 21 24.50 1.98 -3.63
CA GLY B 21 25.47 0.89 -3.62
C GLY B 21 26.19 0.73 -2.29
N ASP B 22 25.53 1.03 -1.20
CA ASP B 22 26.15 0.98 0.12
C ASP B 22 25.83 -0.37 0.76
N GLU B 23 26.79 -1.29 0.69
CA GLU B 23 26.62 -2.62 1.29
C GLU B 23 26.24 -2.51 2.76
N ASP B 24 27.00 -1.73 3.53
CA ASP B 24 26.72 -1.62 4.97
C ASP B 24 25.31 -1.08 5.20
N LYS B 25 24.97 0.04 4.55
CA LYS B 25 23.62 0.58 4.70
C LYS B 25 22.57 -0.45 4.31
N LEU B 26 22.86 -1.28 3.32
CA LEU B 26 21.91 -2.31 2.93
C LEU B 26 21.82 -3.40 4.01
N ARG B 27 22.95 -3.74 4.63
CA ARG B 27 22.95 -4.75 5.67
C ARG B 27 22.10 -4.34 6.86
N ASP B 28 22.13 -3.05 7.20
CA ASP B 28 21.36 -2.55 8.34
C ASP B 28 19.86 -2.61 8.12
N GLN B 29 19.41 -2.82 6.89
CA GLN B 29 17.98 -2.96 6.61
C GLN B 29 17.48 -4.40 6.78
N MET B 30 18.37 -5.35 7.00
CA MET B 30 18.02 -6.77 6.93
C MET B 30 18.01 -7.40 8.32
N ASP B 31 17.15 -8.40 8.47
CA ASP B 31 17.14 -9.25 9.64
C ASP B 31 18.46 -10.02 9.67
N PRO B 32 18.98 -10.31 10.86
CA PRO B 32 20.27 -11.03 10.92
C PRO B 32 20.23 -12.32 10.11
N ASN B 33 19.12 -13.07 10.17
CA ASN B 33 18.98 -14.34 9.48
C ASN B 33 18.11 -14.24 8.23
N VAL B 34 18.17 -13.10 7.54
CA VAL B 34 17.37 -12.92 6.34
C VAL B 34 17.69 -14.04 5.34
N ARG B 35 16.67 -14.44 4.62
CA ARG B 35 16.75 -15.36 3.49
C ARG B 35 16.47 -14.58 2.21
N ALA B 36 17.37 -14.71 1.23
CA ALA B 36 17.26 -13.96 -0.03
C ALA B 36 17.42 -14.94 -1.18
N ASP B 37 16.37 -15.10 -1.96
CA ASP B 37 16.39 -15.88 -3.20
C ASP B 37 16.47 -14.95 -4.40
N VAL B 38 17.47 -15.18 -5.24
CA VAL B 38 17.66 -14.44 -6.48
C VAL B 38 17.70 -15.52 -7.57
N GLY B 39 16.56 -15.74 -8.23
CA GLY B 39 16.48 -16.81 -9.21
C GLY B 39 16.75 -18.14 -8.55
N ASP B 40 17.68 -18.91 -9.13
CA ASP B 40 18.06 -20.20 -8.58
C ASP B 40 18.94 -20.08 -7.34
N LYS B 41 19.48 -18.91 -7.04
CA LYS B 41 20.43 -18.78 -5.94
C LYS B 41 19.71 -18.39 -4.67
N THR B 42 20.13 -18.99 -3.55
CA THR B 42 19.57 -18.70 -2.23
C THR B 42 20.71 -18.35 -1.30
N VAL B 43 20.58 -17.25 -0.58
CA VAL B 43 21.62 -16.83 0.35
C VAL B 43 20.98 -16.56 1.71
N HIS B 44 21.75 -16.82 2.77
CA HIS B 44 21.25 -16.74 4.13
C HIS B 44 22.16 -15.88 4.99
N GLY B 45 21.57 -14.93 5.70
CA GLY B 45 22.30 -14.13 6.65
C GLY B 45 22.46 -12.71 6.15
N ARG B 46 22.46 -11.77 7.11
CA ARG B 46 22.58 -10.34 6.83
C ARG B 46 23.83 -10.05 5.99
N GLU B 47 25.01 -10.41 6.53
CA GLU B 47 26.26 -10.05 5.88
C GLU B 47 26.34 -10.60 4.46
N HIS B 48 25.96 -11.88 4.28
CA HIS B 48 26.06 -12.50 2.96
C HIS B 48 25.05 -11.89 1.98
N ALA B 49 23.79 -11.78 2.40
CA ALA B 49 22.73 -11.34 1.48
C ALA B 49 22.97 -9.92 0.99
N ALA B 50 23.39 -9.02 1.88
CA ALA B 50 23.65 -7.65 1.46
C ALA B 50 24.78 -7.62 0.44
N LYS B 51 25.90 -8.24 0.77
CA LYS B 51 27.06 -8.20 -0.12
C LYS B 51 26.70 -8.69 -1.52
N PHE B 52 25.92 -9.77 -1.61
CA PHE B 52 25.61 -10.35 -2.91
C PHE B 52 24.68 -9.46 -3.71
N LEU B 53 23.62 -8.98 -3.07
CA LEU B 53 22.67 -8.13 -3.78
C LEU B 53 23.33 -6.83 -4.23
N ALA B 54 23.98 -6.13 -3.29
CA ALA B 54 24.67 -4.90 -3.63
C ALA B 54 25.65 -5.11 -4.77
N HIS B 55 26.36 -6.25 -4.78
CA HIS B 55 27.28 -6.52 -5.88
C HIS B 55 26.51 -6.74 -7.18
N ILE B 56 25.38 -7.46 -7.12
CA ILE B 56 24.61 -7.75 -8.33
C ILE B 56 23.83 -6.53 -8.84
N VAL B 57 23.57 -5.55 -7.99
CA VAL B 57 22.72 -4.44 -8.39
C VAL B 57 23.46 -3.46 -9.29
N LYS B 58 24.78 -3.37 -9.17
CA LYS B 58 25.54 -2.43 -10.00
C LYS B 58 25.32 -2.67 -11.48
N ARG B 59 24.79 -3.83 -11.87
CA ARG B 59 24.63 -4.19 -13.26
C ARG B 59 23.34 -3.66 -13.89
N ALA B 60 22.44 -3.04 -13.13
CA ALA B 60 21.21 -2.49 -13.67
C ALA B 60 21.39 -0.98 -13.87
N ASP B 61 21.18 -0.51 -15.10
CA ASP B 61 21.30 0.92 -15.37
C ASP B 61 20.23 1.71 -14.61
N HIS B 62 19.04 1.14 -14.48
CA HIS B 62 17.95 1.75 -13.72
C HIS B 62 17.21 0.65 -12.99
N ILE B 63 16.86 0.91 -11.74
CA ILE B 63 16.09 -0.03 -10.92
C ILE B 63 14.83 0.67 -10.44
N SER B 64 13.68 0.06 -10.75
CA SER B 64 12.39 0.55 -10.26
C SER B 64 11.54 -0.62 -9.77
N PHE B 65 10.61 -0.31 -8.87
CA PHE B 65 9.73 -1.33 -8.29
C PHE B 65 8.31 -0.79 -8.25
N THR B 66 7.35 -1.62 -8.65
CA THR B 66 5.94 -1.22 -8.69
C THR B 66 5.15 -2.15 -7.79
N LEU B 67 4.56 -1.58 -6.74
CA LEU B 67 3.86 -2.39 -5.75
C LEU B 67 2.56 -2.88 -6.36
N LYS B 68 2.31 -4.18 -6.24
CA LYS B 68 1.06 -4.75 -6.69
C LYS B 68 0.19 -5.23 -5.56
N SER B 69 0.77 -5.79 -4.48
CA SER B 69 -0.07 -6.19 -3.38
C SER B 69 0.70 -6.03 -2.07
N LEU B 70 -0.08 -5.95 -1.00
CA LEU B 70 0.42 -5.60 0.33
C LEU B 70 -0.51 -6.19 1.36
N HIS B 71 0.07 -6.77 2.42
CA HIS B 71 -0.70 -7.19 3.58
C HIS B 71 0.16 -6.81 4.78
N ASN B 72 -0.40 -6.02 5.69
CA ASN B 72 0.31 -5.49 6.85
C ASN B 72 -0.55 -5.74 8.07
N HIS B 73 -0.08 -6.60 8.96
CA HIS B 73 -0.81 -6.86 10.21
C HIS B 73 0.15 -7.36 11.29
N ASN B 74 -0.06 -6.89 12.50
CA ASN B 74 0.66 -7.39 13.68
C ASN B 74 2.17 -7.50 13.44
N GLY B 75 2.76 -6.40 12.96
CA GLY B 75 4.20 -6.38 12.79
C GLY B 75 4.78 -7.29 11.72
N ARG B 76 3.97 -7.82 10.81
CA ARG B 76 4.46 -8.57 9.65
C ARG B 76 3.94 -7.89 8.39
N LEU B 77 4.84 -7.56 7.46
CA LEU B 77 4.48 -6.79 6.27
C LEU B 77 4.94 -7.57 5.06
N ARG B 78 4.00 -7.95 4.18
CA ARG B 78 4.33 -8.71 2.99
C ARG B 78 3.97 -7.88 1.76
N MET B 79 4.89 -7.79 0.82
CA MET B 79 4.57 -7.06 -0.39
C MET B 79 5.04 -7.83 -1.60
N GLN B 80 4.30 -7.68 -2.69
CA GLN B 80 4.58 -8.31 -3.97
C GLN B 80 4.44 -7.21 -5.02
N GLY B 81 5.39 -7.17 -5.94
CA GLY B 81 5.36 -6.24 -7.02
C GLY B 81 6.23 -6.69 -8.16
N GLU B 82 6.42 -5.81 -9.13
CA GLU B 82 7.19 -6.08 -10.33
C GLU B 82 8.41 -5.16 -10.30
N VAL B 83 9.59 -5.75 -10.39
CA VAL B 83 10.83 -5.00 -10.52
C VAL B 83 11.13 -4.81 -11.99
N ARG B 84 11.45 -3.57 -12.38
CA ARG B 84 11.90 -3.27 -13.74
C ARG B 84 13.39 -2.93 -13.69
N ILE B 85 14.21 -3.79 -14.29
CA ILE B 85 15.66 -3.62 -14.31
C ILE B 85 16.04 -3.36 -15.77
N VAL B 86 16.62 -2.19 -16.02
CA VAL B 86 17.12 -1.84 -17.35
C VAL B 86 18.57 -2.30 -17.42
N HIS B 87 18.85 -3.27 -18.28
CA HIS B 87 20.20 -3.79 -18.46
C HIS B 87 20.47 -3.95 -19.95
N ASN B 88 21.63 -3.46 -20.39
CA ASN B 88 22.02 -3.57 -21.79
C ASN B 88 20.90 -3.05 -22.68
N GLY B 89 20.34 -1.91 -22.31
CA GLY B 89 19.24 -1.34 -23.08
C GLY B 89 18.13 -2.32 -23.35
N ARG B 90 17.76 -3.11 -22.34
CA ARG B 90 16.69 -4.09 -22.47
C ARG B 90 15.81 -4.04 -21.23
N THR B 91 14.50 -4.06 -21.43
CA THR B 91 13.54 -3.97 -20.34
C THR B 91 13.18 -5.37 -19.87
N GLU B 92 13.41 -5.66 -18.59
CA GLU B 92 13.09 -6.95 -18.00
C GLU B 92 12.22 -6.74 -16.77
N ARG B 93 11.11 -7.46 -16.70
CA ARG B 93 10.17 -7.39 -15.58
C ARG B 93 10.27 -8.69 -14.78
N VAL B 94 10.70 -8.56 -13.53
CA VAL B 94 10.91 -9.74 -12.65
C VAL B 94 10.00 -9.59 -11.44
N PRO B 95 9.31 -10.64 -11.01
CA PRO B 95 8.47 -10.52 -9.81
C PRO B 95 9.32 -10.54 -8.56
N LEU B 96 8.84 -9.82 -7.54
CA LEU B 96 9.53 -9.71 -6.28
C LEU B 96 8.52 -9.80 -5.14
N GLU B 97 8.85 -10.63 -4.15
CA GLU B 97 8.08 -10.79 -2.93
C GLU B 97 9.03 -10.46 -1.80
N MET B 98 8.59 -9.65 -0.84
CA MET B 98 9.38 -9.35 0.34
C MET B 98 8.52 -9.40 1.58
N VAL B 99 9.11 -9.88 2.66
CA VAL B 99 8.42 -9.94 3.95
C VAL B 99 9.27 -9.16 4.94
N PHE B 100 8.63 -8.24 5.66
CA PHE B 100 9.32 -7.43 6.66
C PHE B 100 8.77 -7.72 8.04
N ARG B 101 9.65 -7.76 9.03
CA ARG B 101 9.28 -7.88 10.43
C ARG B 101 9.66 -6.58 11.14
N LYS B 102 8.74 -6.07 11.97
CA LYS B 102 8.98 -4.84 12.69
C LYS B 102 9.70 -5.18 13.99
N HIS B 103 10.88 -4.60 14.17
CA HIS B 103 11.64 -4.72 15.40
C HIS B 103 11.99 -3.33 15.91
N ASN B 104 11.55 -3.01 17.13
CA ASN B 104 11.82 -1.71 17.73
C ASN B 104 11.35 -0.58 16.83
N GLY B 105 10.13 -0.70 16.33
CA GLY B 105 9.59 0.32 15.45
C GLY B 105 10.24 0.44 14.09
N LYS B 106 11.12 -0.46 13.72
CA LYS B 106 11.77 -0.43 12.42
C LYS B 106 11.47 -1.72 11.66
N TRP B 107 11.24 -1.59 10.36
CA TRP B 107 10.95 -2.75 9.52
C TRP B 107 12.25 -3.30 8.97
N LEU B 108 12.51 -4.58 9.21
CA LEU B 108 13.68 -5.26 8.69
C LEU B 108 13.25 -6.35 7.72
N ILE B 109 14.10 -6.58 6.70
CA ILE B 109 13.82 -7.61 5.71
C ILE B 109 13.99 -8.98 6.32
N GLU B 110 12.92 -9.76 6.36
CA GLU B 110 12.93 -11.14 6.82
C GLU B 110 13.16 -12.12 5.68
N ARG B 111 12.54 -11.86 4.51
CA ARG B 111 12.68 -12.74 3.36
C ARG B 111 12.51 -11.93 2.08
N MET B 112 13.26 -12.30 1.05
CA MET B 112 13.19 -11.66 -0.25
C MET B 112 13.24 -12.75 -1.31
N LYS B 113 12.27 -12.77 -2.20
CA LYS B 113 12.24 -13.72 -3.30
C LYS B 113 12.17 -12.93 -4.59
N TYR B 114 13.28 -12.83 -5.30
CA TYR B 114 13.38 -12.10 -6.56
C TYR B 114 13.42 -13.12 -7.69
N GLY B 115 12.42 -13.05 -8.57
CA GLY B 115 12.32 -13.99 -9.68
C GLY B 115 11.51 -15.23 -9.36
#